data_9MGX
#
_entry.id   9MGX
#
_cell.length_a   93.176
_cell.length_b   93.176
_cell.length_c   132.152
_cell.angle_alpha   90.00
_cell.angle_beta   90.00
_cell.angle_gamma   120.00
#
_symmetry.space_group_name_H-M   'H 3 2'
#
loop_
_entity.id
_entity.type
_entity.pdbx_description
1 polymer 'Purine nucleoside phosphorylase, putative'
2 non-polymer 'CHLORIDE ION'
3 non-polymer 'PHOSPHATE ION'
4 non-polymer ADENINE
5 water water
#
_entity_poly.entity_id   1
_entity_poly.type   'polypeptide(L)'
_entity_poly.pdbx_seq_one_letter_code
;MAHHHHHHMATPHNSAKVGDFAETVLMCGDPLRAKLIADNYLENAKQVNSVRGMLGFTGTYKGKPLSVMGHGMGIPSISI
YAEELYNVYKVKTIIRVGTCGTVDPNVHVRDVCIVTASGTDSNVNRMRLLGHDFPATANFEVVSALVESAKALNIPTQVG
KAYSTDIFYSKEQGLNEALAQYHFIAVEMESAGLFPIADYYGARAGCICTVSDHIITHESATPEERQTSFQNMIKIALEA
TLKL
;
_entity_poly.pdbx_strand_id   A
#
# COMPACT_ATOMS: atom_id res chain seq x y z
N HIS A 6 -22.71 3.88 22.13
CA HIS A 6 -21.56 4.82 22.07
C HIS A 6 -20.30 4.18 22.64
N HIS A 7 -19.23 4.17 21.85
CA HIS A 7 -17.92 3.72 22.29
C HIS A 7 -16.98 4.91 22.31
N HIS A 8 -16.02 4.88 23.23
CA HIS A 8 -14.96 5.88 23.20
C HIS A 8 -14.23 5.79 21.88
N MET A 9 -13.92 6.95 21.29
CA MET A 9 -13.22 7.05 20.01
C MET A 9 -11.79 7.50 20.26
N ALA A 10 -10.83 6.59 20.06
CA ALA A 10 -9.43 6.95 20.24
C ALA A 10 -8.96 7.91 19.16
N THR A 11 -9.58 7.87 17.99
CA THR A 11 -9.36 8.87 16.97
C THR A 11 -10.72 9.22 16.37
N PRO A 12 -10.83 10.28 15.57
CA PRO A 12 -12.13 10.62 14.97
C PRO A 12 -12.59 9.63 13.92
N HIS A 13 -11.73 8.69 13.49
CA HIS A 13 -12.02 7.80 12.38
C HIS A 13 -11.83 6.33 12.72
N ASN A 14 -11.58 5.99 13.97
CA ASN A 14 -11.24 4.62 14.33
C ASN A 14 -11.71 4.38 15.75
N SER A 15 -12.51 3.34 15.94
CA SER A 15 -13.00 3.01 17.27
C SER A 15 -12.12 1.99 17.98
N ALA A 16 -11.06 1.49 17.35
CA ALA A 16 -10.18 0.54 18.01
C ALA A 16 -9.59 1.17 19.27
N LYS A 17 -9.45 0.36 20.31
CA LYS A 17 -8.77 0.79 21.51
C LYS A 17 -7.27 0.82 21.25
N VAL A 18 -6.59 1.74 21.93
CA VAL A 18 -5.14 1.74 21.85
C VAL A 18 -4.63 0.35 22.22
N GLY A 19 -3.68 -0.16 21.45
CA GLY A 19 -3.17 -1.50 21.61
C GLY A 19 -3.86 -2.55 20.76
N ASP A 20 -5.00 -2.23 20.15
CA ASP A 20 -5.76 -3.19 19.36
C ASP A 20 -5.19 -3.44 17.97
N PHE A 21 -4.21 -2.65 17.53
CA PHE A 21 -3.50 -2.90 16.28
C PHE A 21 -2.14 -3.50 16.59
N ALA A 22 -1.75 -4.50 15.80
CA ALA A 22 -0.41 -5.03 15.84
C ALA A 22 0.59 -3.97 15.36
N GLU A 23 1.87 -4.21 15.64
CA GLU A 23 2.90 -3.29 15.18
C GLU A 23 3.08 -3.31 13.68
N THR A 24 2.66 -4.38 13.01
CA THR A 24 2.72 -4.48 11.55
C THR A 24 1.30 -4.51 11.01
N VAL A 25 1.03 -3.71 9.99
CA VAL A 25 -0.30 -3.58 9.41
C VAL A 25 -0.18 -3.64 7.89
N LEU A 26 -1.01 -4.46 7.25
CA LEU A 26 -1.25 -4.41 5.81
C LEU A 26 -2.46 -3.50 5.57
N MET A 27 -2.39 -2.65 4.54
CA MET A 27 -3.53 -1.82 4.21
C MET A 27 -3.80 -1.89 2.72
N CYS A 28 -5.07 -1.92 2.37
CA CYS A 28 -5.54 -1.93 0.99
C CYS A 28 -6.65 -0.90 0.89
N GLY A 29 -6.95 -0.43 -0.33
CA GLY A 29 -7.96 0.61 -0.46
C GLY A 29 -9.35 0.14 -0.06
N ASP A 30 -9.72 -1.07 -0.46
CA ASP A 30 -11.09 -1.57 -0.34
C ASP A 30 -11.26 -2.24 1.03
N PRO A 31 -12.11 -1.72 1.92
CA PRO A 31 -12.31 -2.40 3.21
C PRO A 31 -12.85 -3.82 3.06
N LEU A 32 -13.58 -4.10 1.99
CA LEU A 32 -14.05 -5.46 1.79
C LEU A 32 -12.90 -6.40 1.46
N ARG A 33 -11.84 -5.89 0.83
CA ARG A 33 -10.66 -6.72 0.62
CA ARG A 33 -10.64 -6.69 0.62
C ARG A 33 -9.90 -6.91 1.93
N ALA A 34 -9.91 -5.92 2.82
CA ALA A 34 -9.32 -6.12 4.14
C ALA A 34 -10.02 -7.27 4.86
N LYS A 35 -11.36 -7.32 4.78
CA LYS A 35 -12.09 -8.42 5.40
C LYS A 35 -11.71 -9.75 4.78
N LEU A 36 -11.60 -9.81 3.45
CA LEU A 36 -11.17 -11.04 2.79
C LEU A 36 -9.80 -11.49 3.27
N ILE A 37 -8.85 -10.56 3.39
CA ILE A 37 -7.51 -10.89 3.88
C ILE A 37 -7.60 -11.47 5.28
N ALA A 38 -8.35 -10.81 6.16
CA ALA A 38 -8.48 -11.31 7.53
C ALA A 38 -9.09 -12.70 7.54
N ASP A 39 -10.20 -12.88 6.81
CA ASP A 39 -10.93 -14.14 6.83
C ASP A 39 -10.12 -15.28 6.26
N ASN A 40 -9.31 -15.01 5.23
CA ASN A 40 -8.62 -16.08 4.51
C ASN A 40 -7.19 -16.31 4.96
N TYR A 41 -6.56 -15.35 5.64
CA TYR A 41 -5.15 -15.47 5.99
C TYR A 41 -4.81 -15.22 7.46
N LEU A 42 -5.65 -14.57 8.24
CA LEU A 42 -5.34 -14.34 9.64
C LEU A 42 -5.99 -15.39 10.52
N GLU A 43 -5.31 -15.71 11.60
CA GLU A 43 -5.88 -16.47 12.71
C GLU A 43 -6.01 -15.57 13.92
N ASN A 44 -6.72 -16.03 14.93
CA ASN A 44 -6.93 -15.24 16.14
C ASN A 44 -7.53 -13.88 15.81
N ALA A 45 -8.35 -13.80 14.78
CA ALA A 45 -8.71 -12.52 14.19
C ALA A 45 -9.95 -11.94 14.86
N LYS A 46 -9.92 -10.63 15.06
CA LYS A 46 -11.07 -9.88 15.54
C LYS A 46 -11.17 -8.60 14.73
N GLN A 47 -12.41 -8.18 14.46
CA GLN A 47 -12.62 -6.87 13.88
C GLN A 47 -12.42 -5.80 14.95
N VAL A 48 -11.60 -4.79 14.64
CA VAL A 48 -11.28 -3.75 15.60
C VAL A 48 -11.80 -2.37 15.18
N ASN A 49 -12.21 -2.20 13.93
CA ASN A 49 -12.80 -0.95 13.51
C ASN A 49 -13.88 -1.19 12.45
N SER A 50 -14.94 -0.40 12.53
CA SER A 50 -15.89 -0.33 11.42
C SER A 50 -16.39 1.08 11.17
N VAL A 51 -15.77 2.10 11.77
CA VAL A 51 -16.18 3.48 11.53
C VAL A 51 -16.04 3.80 10.05
N ARG A 52 -17.06 4.45 9.49
CA ARG A 52 -17.13 4.81 8.07
C ARG A 52 -17.04 3.59 7.17
N GLY A 53 -17.35 2.41 7.69
CA GLY A 53 -17.21 1.18 6.92
C GLY A 53 -15.79 0.77 6.66
N MET A 54 -14.80 1.44 7.28
CA MET A 54 -13.39 1.20 6.95
C MET A 54 -12.87 0.07 7.84
N LEU A 55 -13.26 -1.15 7.44
CA LEU A 55 -13.02 -2.34 8.26
C LEU A 55 -11.55 -2.55 8.56
N GLY A 56 -11.25 -2.84 9.82
CA GLY A 56 -9.92 -3.21 10.24
C GLY A 56 -9.99 -4.39 11.18
N PHE A 57 -8.92 -5.20 11.16
CA PHE A 57 -8.87 -6.48 11.84
C PHE A 57 -7.47 -6.69 12.41
N THR A 58 -7.41 -7.44 13.52
CA THR A 58 -6.14 -7.80 14.13
C THR A 58 -6.15 -9.28 14.46
N GLY A 59 -5.06 -9.96 14.10
CA GLY A 59 -4.89 -11.35 14.43
C GLY A 59 -3.44 -11.73 14.34
N THR A 60 -3.16 -12.91 13.79
CA THR A 60 -1.81 -13.39 13.62
C THR A 60 -1.68 -14.02 12.24
N TYR A 61 -0.45 -13.98 11.70
CA TYR A 61 -0.10 -14.72 10.50
C TYR A 61 1.11 -15.55 10.86
N LYS A 62 0.96 -16.87 10.81
CA LYS A 62 1.98 -17.83 11.22
C LYS A 62 2.50 -17.50 12.62
N GLY A 63 1.57 -17.13 13.49
CA GLY A 63 1.85 -16.89 14.89
C GLY A 63 2.26 -15.48 15.23
N LYS A 64 2.60 -14.64 14.23
CA LYS A 64 3.12 -13.30 14.48
C LYS A 64 1.98 -12.28 14.43
N PRO A 65 1.88 -11.35 15.38
CA PRO A 65 0.78 -10.37 15.32
C PRO A 65 0.77 -9.59 14.01
N LEU A 66 -0.42 -9.44 13.43
CA LEU A 66 -0.58 -8.72 12.17
C LEU A 66 -1.99 -8.16 12.11
N SER A 67 -2.12 -6.91 11.66
CA SER A 67 -3.42 -6.31 11.40
C SER A 67 -3.56 -6.04 9.91
N VAL A 68 -4.81 -5.84 9.49
CA VAL A 68 -5.13 -5.46 8.12
C VAL A 68 -6.31 -4.51 8.16
N MET A 69 -6.24 -3.42 7.40
CA MET A 69 -7.31 -2.44 7.41
C MET A 69 -7.39 -1.75 6.06
N GLY A 70 -8.60 -1.34 5.70
CA GLY A 70 -8.76 -0.53 4.52
C GLY A 70 -8.24 0.89 4.71
N HIS A 71 -7.84 1.53 3.60
CA HIS A 71 -7.41 2.91 3.66
C HIS A 71 -8.21 3.87 2.80
N GLY A 72 -9.16 3.39 2.00
CA GLY A 72 -9.93 4.27 1.12
C GLY A 72 -9.10 4.70 -0.08
N MET A 73 -9.65 5.63 -0.87
CA MET A 73 -9.02 6.03 -2.11
C MET A 73 -8.44 7.43 -1.99
N GLY A 74 -7.16 7.56 -2.32
CA GLY A 74 -6.47 8.82 -2.44
C GLY A 74 -5.58 9.16 -1.26
N ILE A 75 -4.64 10.07 -1.54
CA ILE A 75 -3.67 10.50 -0.53
C ILE A 75 -4.33 11.05 0.73
N PRO A 76 -5.36 11.90 0.66
CA PRO A 76 -5.93 12.43 1.91
C PRO A 76 -6.52 11.33 2.79
N SER A 77 -7.11 10.31 2.19
CA SER A 77 -7.72 9.22 2.94
C SER A 77 -6.65 8.37 3.63
N ILE A 78 -5.67 7.88 2.86
CA ILE A 78 -4.62 7.09 3.51
C ILE A 78 -3.88 7.90 4.55
N SER A 79 -3.74 9.22 4.33
CA SER A 79 -3.00 10.03 5.28
C SER A 79 -3.68 10.05 6.64
N ILE A 80 -5.00 10.19 6.66
CA ILE A 80 -5.74 10.13 7.91
C ILE A 80 -5.47 8.81 8.62
N TYR A 81 -5.68 7.69 7.92
CA TYR A 81 -5.63 6.40 8.59
C TYR A 81 -4.22 6.07 9.04
N ALA A 82 -3.21 6.36 8.19
CA ALA A 82 -1.82 6.02 8.52
C ALA A 82 -1.28 6.92 9.62
N GLU A 83 -1.57 8.23 9.58
CA GLU A 83 -1.15 9.10 10.67
C GLU A 83 -1.64 8.56 12.00
N GLU A 84 -2.93 8.20 12.05
CA GLU A 84 -3.49 7.66 13.28
C GLU A 84 -2.82 6.37 13.70
N LEU A 85 -2.59 5.46 12.76
CA LEU A 85 -1.95 4.19 13.09
C LEU A 85 -0.57 4.38 13.68
N TYR A 86 0.26 5.22 13.06
CA TYR A 86 1.60 5.45 13.58
C TYR A 86 1.57 6.22 14.91
N ASN A 87 0.70 7.21 15.02
CA ASN A 87 0.73 8.11 16.17
CA ASN A 87 0.73 8.11 16.17
C ASN A 87 -0.01 7.54 17.38
N VAL A 88 -1.29 7.23 17.21
CA VAL A 88 -2.13 6.78 18.33
C VAL A 88 -1.95 5.30 18.60
N TYR A 89 -1.88 4.49 17.54
CA TYR A 89 -1.83 3.05 17.68
C TYR A 89 -0.41 2.49 17.74
N LYS A 90 0.60 3.34 17.57
CA LYS A 90 2.00 3.00 17.79
CA LYS A 90 1.99 2.98 17.79
C LYS A 90 2.49 1.91 16.83
N VAL A 91 1.90 1.86 15.65
CA VAL A 91 2.31 0.93 14.61
C VAL A 91 3.73 1.28 14.16
N LYS A 92 4.49 0.25 13.82
CA LYS A 92 5.87 0.42 13.37
C LYS A 92 6.06 0.22 11.88
N THR A 93 5.26 -0.63 11.24
CA THR A 93 5.43 -0.97 9.84
C THR A 93 4.07 -1.05 9.18
N ILE A 94 3.90 -0.33 8.07
CA ILE A 94 2.72 -0.46 7.22
C ILE A 94 3.15 -0.85 5.81
N ILE A 95 2.55 -1.90 5.26
CA ILE A 95 2.72 -2.26 3.87
C ILE A 95 1.39 -2.06 3.16
N ARG A 96 1.38 -1.16 2.18
CA ARG A 96 0.23 -1.01 1.30
C ARG A 96 0.23 -2.15 0.30
N VAL A 97 -0.92 -2.77 0.16
CA VAL A 97 -1.13 -3.91 -0.74
CA VAL A 97 -1.17 -3.92 -0.69
C VAL A 97 -2.26 -3.49 -1.66
N GLY A 98 -1.90 -3.23 -2.91
CA GLY A 98 -2.82 -2.55 -3.79
C GLY A 98 -2.88 -3.08 -5.20
N THR A 99 -3.61 -2.36 -6.04
CA THR A 99 -3.63 -2.57 -7.47
C THR A 99 -3.13 -1.30 -8.15
N CYS A 100 -2.74 -1.43 -9.41
CA CYS A 100 -2.19 -0.29 -10.12
C CYS A 100 -2.39 -0.49 -11.62
N GLY A 101 -2.23 0.62 -12.35
CA GLY A 101 -2.04 0.57 -13.78
C GLY A 101 -0.56 0.68 -14.11
N THR A 102 -0.23 0.45 -15.37
CA THR A 102 1.12 0.70 -15.84
C THR A 102 1.10 1.31 -17.23
N VAL A 103 2.11 2.13 -17.51
CA VAL A 103 2.43 2.60 -18.85
C VAL A 103 3.71 2.01 -19.37
N ASP A 104 4.44 1.25 -18.55
CA ASP A 104 5.78 0.82 -18.93
C ASP A 104 5.67 -0.27 -20.00
N PRO A 105 6.42 -0.16 -21.10
CA PRO A 105 6.25 -1.15 -22.17
C PRO A 105 6.65 -2.56 -21.76
N ASN A 106 7.47 -2.72 -20.73
CA ASN A 106 7.95 -4.02 -20.30
C ASN A 106 7.28 -4.51 -19.03
N VAL A 107 6.21 -3.84 -18.61
CA VAL A 107 5.38 -4.30 -17.50
C VAL A 107 4.04 -4.74 -18.08
N HIS A 108 3.53 -5.86 -17.60
CA HIS A 108 2.34 -6.47 -18.16
C HIS A 108 1.27 -6.66 -17.09
N VAL A 109 0.01 -6.68 -17.53
CA VAL A 109 -1.09 -6.99 -16.63
C VAL A 109 -0.77 -8.30 -15.90
N ARG A 110 -1.13 -8.33 -14.61
CA ARG A 110 -0.89 -9.41 -13.63
C ARG A 110 0.47 -9.31 -12.95
N ASP A 111 1.38 -8.49 -13.45
CA ASP A 111 2.69 -8.37 -12.82
C ASP A 111 2.56 -7.81 -11.41
N VAL A 112 3.48 -8.24 -10.56
CA VAL A 112 3.61 -7.77 -9.19
C VAL A 112 4.71 -6.71 -9.16
N CYS A 113 4.39 -5.53 -8.65
CA CYS A 113 5.30 -4.39 -8.60
C CYS A 113 5.62 -4.06 -7.15
N ILE A 114 6.90 -4.01 -6.82
CA ILE A 114 7.37 -3.61 -5.51
C ILE A 114 7.93 -2.20 -5.64
N VAL A 115 7.39 -1.28 -4.85
CA VAL A 115 7.63 0.16 -5.01
C VAL A 115 8.83 0.62 -4.17
N THR A 116 9.81 1.25 -4.82
CA THR A 116 10.94 1.82 -4.09
C THR A 116 10.70 3.28 -3.70
N ALA A 117 9.94 4.04 -4.50
CA ALA A 117 9.62 5.44 -4.24
C ALA A 117 8.45 5.79 -5.14
N SER A 118 7.75 6.87 -4.81
CA SER A 118 6.55 7.25 -5.54
CA SER A 118 6.56 7.24 -5.56
C SER A 118 6.53 8.75 -5.82
N GLY A 119 6.33 9.11 -7.08
CA GLY A 119 6.07 10.48 -7.45
C GLY A 119 4.61 10.82 -7.20
N THR A 120 4.26 12.09 -7.41
CA THR A 120 2.89 12.52 -7.19
C THR A 120 2.61 13.85 -7.84
N ASP A 121 1.33 14.12 -8.08
CA ASP A 121 0.81 15.43 -8.42
C ASP A 121 0.15 16.13 -7.24
N SER A 122 0.25 15.56 -6.06
CA SER A 122 -0.27 16.16 -4.83
C SER A 122 0.72 17.19 -4.30
N ASN A 123 0.22 18.14 -3.51
N ASN A 123 0.19 18.09 -3.47
CA ASN A 123 1.08 19.10 -2.83
CA ASN A 123 0.97 19.12 -2.82
C ASN A 123 1.53 18.67 -1.44
C ASN A 123 1.36 18.75 -1.39
N VAL A 124 1.09 17.51 -0.95
CA VAL A 124 1.27 17.24 0.47
C VAL A 124 2.73 17.15 0.87
N ASN A 125 3.62 16.72 -0.02
CA ASN A 125 5.01 16.56 0.37
C ASN A 125 5.79 17.85 0.23
N ARG A 126 5.45 18.67 -0.76
CA ARG A 126 6.04 20.01 -0.81
C ARG A 126 5.73 20.76 0.46
N MET A 127 4.51 20.59 0.99
N MET A 127 4.52 20.60 0.99
CA MET A 127 4.12 21.29 2.22
CA MET A 127 4.15 21.29 2.22
C MET A 127 4.93 20.84 3.44
C MET A 127 4.95 20.84 3.43
N ARG A 128 5.53 19.65 3.40
CA ARG A 128 6.34 19.15 4.49
C ARG A 128 7.79 19.59 4.41
N LEU A 129 8.27 20.01 3.24
CA LEU A 129 9.70 20.26 3.05
C LEU A 129 9.93 21.63 2.43
N LEU A 130 9.25 22.64 2.96
CA LEU A 130 9.51 24.05 2.61
CA LEU A 130 9.51 24.05 2.61
C LEU A 130 9.35 24.30 1.11
N GLY A 131 8.43 23.58 0.48
CA GLY A 131 8.13 23.74 -0.92
C GLY A 131 9.01 22.96 -1.86
N HIS A 132 9.99 22.21 -1.36
CA HIS A 132 10.99 21.53 -2.17
C HIS A 132 10.51 20.13 -2.56
N ASP A 133 11.38 19.41 -3.28
CA ASP A 133 11.12 18.04 -3.69
C ASP A 133 11.52 17.09 -2.56
N PHE A 134 10.51 16.40 -2.02
CA PHE A 134 10.65 15.41 -0.95
C PHE A 134 10.25 14.06 -1.53
N PRO A 135 11.19 13.15 -1.79
CA PRO A 135 10.81 11.88 -2.40
C PRO A 135 10.09 11.00 -1.40
N ALA A 136 8.91 10.55 -1.78
CA ALA A 136 8.19 9.55 -0.99
C ALA A 136 8.90 8.22 -1.20
N THR A 137 9.62 7.75 -0.18
CA THR A 137 10.60 6.68 -0.35
C THR A 137 10.23 5.53 0.58
N ALA A 138 10.14 4.32 0.02
CA ALA A 138 9.91 3.14 0.84
C ALA A 138 11.13 2.82 1.70
N ASN A 139 10.88 2.23 2.86
CA ASN A 139 11.97 1.76 3.70
C ASN A 139 12.68 0.58 3.05
N PHE A 140 14.01 0.59 3.10
CA PHE A 140 14.80 -0.41 2.40
C PHE A 140 14.59 -1.81 2.96
N GLU A 141 14.50 -1.95 4.28
CA GLU A 141 14.26 -3.26 4.86
C GLU A 141 12.90 -3.81 4.40
N VAL A 142 11.90 -2.95 4.26
CA VAL A 142 10.60 -3.41 3.78
C VAL A 142 10.68 -3.85 2.33
N VAL A 143 11.30 -3.02 1.48
CA VAL A 143 11.45 -3.39 0.08
C VAL A 143 12.18 -4.73 -0.04
N SER A 144 13.29 -4.87 0.70
CA SER A 144 14.08 -6.08 0.64
CA SER A 144 14.08 -6.08 0.63
C SER A 144 13.29 -7.29 1.12
N ALA A 145 12.48 -7.13 2.17
CA ALA A 145 11.69 -8.25 2.65
C ALA A 145 10.70 -8.69 1.60
N LEU A 146 10.08 -7.75 0.89
CA LEU A 146 9.16 -8.08 -0.19
C LEU A 146 9.88 -8.79 -1.34
N VAL A 147 11.03 -8.26 -1.76
CA VAL A 147 11.78 -8.87 -2.85
C VAL A 147 12.20 -10.29 -2.48
N GLU A 148 12.71 -10.47 -1.27
CA GLU A 148 13.21 -11.78 -0.89
CA GLU A 148 13.21 -11.77 -0.85
C GLU A 148 12.07 -12.78 -0.69
N SER A 149 10.94 -12.33 -0.18
CA SER A 149 9.80 -13.23 -0.06
CA SER A 149 9.77 -13.21 -0.06
C SER A 149 9.32 -13.69 -1.43
N ALA A 150 9.23 -12.78 -2.41
CA ALA A 150 8.82 -13.18 -3.75
C ALA A 150 9.80 -14.18 -4.35
N LYS A 151 11.10 -13.96 -4.14
CA LYS A 151 12.09 -14.90 -4.66
C LYS A 151 11.91 -16.28 -4.06
N ALA A 152 11.72 -16.36 -2.73
CA ALA A 152 11.54 -17.65 -2.09
C ALA A 152 10.29 -18.35 -2.58
N LEU A 153 9.26 -17.59 -2.95
CA LEU A 153 8.01 -18.13 -3.48
C LEU A 153 8.05 -18.34 -5.00
N ASN A 154 9.17 -18.01 -5.65
CA ASN A 154 9.32 -18.14 -7.10
C ASN A 154 8.25 -17.36 -7.86
N ILE A 155 7.95 -16.15 -7.39
CA ILE A 155 7.01 -15.24 -8.04
C ILE A 155 7.81 -14.07 -8.62
N PRO A 156 7.83 -13.88 -9.94
CA PRO A 156 8.56 -12.74 -10.51
C PRO A 156 8.00 -11.41 -10.05
N THR A 157 8.87 -10.41 -9.94
CA THR A 157 8.46 -9.07 -9.55
C THR A 157 9.17 -8.02 -10.40
N GLN A 158 8.51 -6.88 -10.52
CA GLN A 158 9.10 -5.66 -11.03
C GLN A 158 9.38 -4.76 -9.83
N VAL A 159 10.54 -4.13 -9.79
CA VAL A 159 10.93 -3.28 -8.66
C VAL A 159 11.22 -1.90 -9.22
N GLY A 160 10.61 -0.85 -8.65
CA GLY A 160 10.86 0.48 -9.16
C GLY A 160 9.83 1.50 -8.69
N LYS A 161 9.76 2.60 -9.43
CA LYS A 161 9.00 3.77 -9.01
C LYS A 161 7.51 3.62 -9.31
N ALA A 162 6.69 4.13 -8.39
CA ALA A 162 5.27 4.35 -8.62
C ALA A 162 5.02 5.85 -8.82
N TYR A 163 3.81 6.16 -9.30
CA TYR A 163 3.29 7.51 -9.41
C TYR A 163 1.90 7.52 -8.79
N SER A 164 1.73 8.32 -7.74
CA SER A 164 0.47 8.45 -7.01
C SER A 164 -0.24 9.73 -7.46
N THR A 165 -1.36 9.57 -8.14
CA THR A 165 -2.13 10.70 -8.61
C THR A 165 -3.37 10.95 -7.77
N ASP A 166 -3.72 12.23 -7.66
CA ASP A 166 -5.00 12.66 -7.08
C ASP A 166 -6.19 12.46 -8.02
N ILE A 167 -5.95 12.20 -9.31
CA ILE A 167 -6.99 12.22 -10.34
C ILE A 167 -7.01 10.88 -11.08
N PHE A 168 -7.93 10.01 -10.70
CA PHE A 168 -8.13 8.75 -11.41
C PHE A 168 -8.46 9.01 -12.88
N TYR A 169 -9.36 9.97 -13.13
CA TYR A 169 -9.83 10.27 -14.48
C TYR A 169 -8.97 11.37 -15.11
N SER A 170 -7.75 10.99 -15.46
CA SER A 170 -6.79 11.95 -15.98
C SER A 170 -7.22 12.50 -17.34
N LYS A 171 -6.99 13.80 -17.50
CA LYS A 171 -7.18 14.50 -18.77
C LYS A 171 -5.86 15.14 -19.22
N GLU A 172 -4.74 14.69 -18.67
CA GLU A 172 -3.46 15.40 -18.78
C GLU A 172 -2.64 14.87 -19.95
N GLN A 173 -2.52 15.67 -20.99
CA GLN A 173 -1.74 15.29 -22.16
C GLN A 173 -0.26 15.23 -21.81
N GLY A 174 0.40 14.20 -22.29
CA GLY A 174 1.83 14.03 -22.13
C GLY A 174 2.24 13.32 -20.85
N LEU A 175 1.33 13.11 -19.91
CA LEU A 175 1.71 12.47 -18.64
C LEU A 175 2.18 11.04 -18.86
N ASN A 176 1.42 10.24 -19.61
CA ASN A 176 1.78 8.83 -19.76
C ASN A 176 3.11 8.70 -20.45
N GLU A 177 3.38 9.55 -21.43
CA GLU A 177 4.64 9.48 -22.15
C GLU A 177 5.81 9.81 -21.24
N ALA A 178 5.66 10.78 -20.35
CA ALA A 178 6.74 11.12 -19.42
C ALA A 178 6.94 10.01 -18.41
N LEU A 179 5.86 9.45 -17.86
CA LEU A 179 5.98 8.33 -16.94
C LEU A 179 6.71 7.16 -17.58
N ALA A 180 6.42 6.88 -18.85
CA ALA A 180 7.08 5.78 -19.54
C ALA A 180 8.55 6.09 -19.82
N GLN A 181 8.85 7.34 -20.20
CA GLN A 181 10.22 7.73 -20.51
C GLN A 181 11.14 7.49 -19.32
N TYR A 182 10.64 7.72 -18.12
CA TYR A 182 11.45 7.60 -16.91
C TYR A 182 11.19 6.30 -16.17
N HIS A 183 10.48 5.36 -16.79
CA HIS A 183 10.36 4.00 -16.26
C HIS A 183 9.67 3.94 -14.91
N PHE A 184 8.59 4.72 -14.76
CA PHE A 184 7.64 4.49 -13.68
C PHE A 184 6.89 3.21 -13.99
N ILE A 185 6.86 2.28 -13.03
CA ILE A 185 6.27 0.97 -13.27
C ILE A 185 4.81 0.86 -12.83
N ALA A 186 4.35 1.72 -11.94
CA ALA A 186 3.03 1.59 -11.33
C ALA A 186 2.38 2.96 -11.24
N VAL A 187 1.12 3.03 -11.60
CA VAL A 187 0.30 4.22 -11.42
C VAL A 187 -0.83 3.88 -10.46
N GLU A 188 -0.88 4.57 -9.33
CA GLU A 188 -1.87 4.32 -8.30
C GLU A 188 -2.17 5.67 -7.64
N MET A 189 -2.72 5.65 -6.43
CA MET A 189 -3.25 6.88 -5.85
C MET A 189 -2.88 7.16 -4.40
N GLU A 190 -2.08 6.31 -3.73
CA GLU A 190 -1.88 6.45 -2.30
C GLU A 190 -0.44 6.42 -1.76
N SER A 191 0.47 5.67 -2.39
CA SER A 191 1.74 5.39 -1.71
C SER A 191 2.55 6.63 -1.42
N ALA A 192 2.49 7.66 -2.29
CA ALA A 192 3.26 8.87 -2.06
C ALA A 192 2.81 9.60 -0.81
N GLY A 193 1.58 9.37 -0.33
CA GLY A 193 1.15 9.94 0.92
C GLY A 193 1.59 9.16 2.14
N LEU A 194 1.81 7.86 1.99
CA LEU A 194 2.14 6.99 3.11
C LEU A 194 3.59 7.17 3.56
N PHE A 195 4.54 7.15 2.62
CA PHE A 195 5.95 7.07 2.98
C PHE A 195 6.40 8.25 3.82
N PRO A 196 6.00 9.50 3.53
CA PRO A 196 6.48 10.61 4.38
C PRO A 196 5.91 10.61 5.77
N ILE A 197 4.71 10.05 5.96
CA ILE A 197 4.15 9.94 7.30
C ILE A 197 4.95 8.93 8.12
N ALA A 198 5.28 7.79 7.53
CA ALA A 198 6.18 6.87 8.22
C ALA A 198 7.46 7.58 8.64
N ASP A 199 8.05 8.37 7.73
CA ASP A 199 9.27 9.12 8.07
C ASP A 199 9.05 10.01 9.29
N TYR A 200 7.94 10.76 9.31
CA TYR A 200 7.70 11.70 10.41
C TYR A 200 7.77 10.99 11.74
N TYR A 201 7.24 9.76 11.81
CA TYR A 201 7.16 8.98 13.04
C TYR A 201 8.36 8.07 13.26
N GLY A 202 9.39 8.16 12.41
CA GLY A 202 10.55 7.28 12.57
C GLY A 202 10.21 5.84 12.33
N ALA A 203 9.20 5.57 11.52
CA ALA A 203 8.65 4.25 11.29
C ALA A 203 8.90 3.83 9.84
N ARG A 204 8.33 2.70 9.45
CA ARG A 204 8.62 2.08 8.17
CA ARG A 204 8.63 2.04 8.18
C ARG A 204 7.36 1.86 7.35
N ALA A 205 7.52 1.96 6.03
CA ALA A 205 6.45 1.70 5.10
C ALA A 205 7.00 1.14 3.80
N GLY A 206 6.15 0.39 3.11
CA GLY A 206 6.40 -0.06 1.75
C GLY A 206 5.09 -0.24 1.02
N CYS A 207 5.19 -0.64 -0.25
CA CYS A 207 4.02 -0.86 -1.09
C CYS A 207 4.31 -1.95 -2.11
N ILE A 208 3.33 -2.82 -2.29
CA ILE A 208 3.34 -3.82 -3.36
C ILE A 208 1.98 -3.77 -4.03
N CYS A 209 1.97 -3.80 -5.37
N CYS A 209 1.95 -3.87 -5.36
CA CYS A 209 0.74 -3.71 -6.14
CA CYS A 209 0.68 -3.74 -6.07
C CYS A 209 0.77 -4.76 -7.25
C CYS A 209 0.73 -4.50 -7.39
N THR A 210 -0.41 -5.10 -7.73
CA THR A 210 -0.54 -5.89 -8.95
C THR A 210 -1.15 -5.04 -10.05
N VAL A 211 -0.68 -5.28 -11.27
CA VAL A 211 -1.12 -4.52 -12.43
C VAL A 211 -2.47 -5.05 -12.88
N SER A 212 -3.50 -4.23 -12.76
CA SER A 212 -4.83 -4.55 -13.27
C SER A 212 -5.05 -4.12 -14.70
N ASP A 213 -4.36 -3.08 -15.16
CA ASP A 213 -4.64 -2.46 -16.44
CA ASP A 213 -4.63 -2.52 -16.46
C ASP A 213 -3.35 -1.94 -17.04
N HIS A 214 -3.19 -2.09 -18.35
CA HIS A 214 -2.15 -1.40 -19.09
C HIS A 214 -2.79 -0.15 -19.69
N ILE A 215 -2.32 1.01 -19.24
CA ILE A 215 -2.93 2.26 -19.63
C ILE A 215 -2.74 2.54 -21.11
N ILE A 216 -1.67 2.02 -21.72
CA ILE A 216 -1.38 2.28 -23.12
C ILE A 216 -2.12 1.30 -24.03
N THR A 217 -1.90 -0.01 -23.81
CA THR A 217 -2.45 -1.02 -24.71
C THR A 217 -3.91 -1.32 -24.43
N HIS A 218 -4.42 -0.92 -23.26
CA HIS A 218 -5.78 -1.16 -22.80
C HIS A 218 -6.01 -2.60 -22.35
N GLU A 219 -4.96 -3.42 -22.28
CA GLU A 219 -5.11 -4.73 -21.69
C GLU A 219 -5.64 -4.59 -20.27
N SER A 220 -6.51 -5.52 -19.87
CA SER A 220 -7.15 -5.43 -18.57
C SER A 220 -7.33 -6.84 -18.02
N ALA A 221 -7.10 -7.01 -16.72
CA ALA A 221 -7.21 -8.32 -16.11
C ALA A 221 -8.69 -8.65 -15.89
N THR A 222 -9.04 -9.90 -16.18
CA THR A 222 -10.38 -10.38 -15.90
C THR A 222 -10.53 -10.59 -14.40
N PRO A 223 -11.75 -10.81 -13.92
CA PRO A 223 -11.93 -11.04 -12.48
C PRO A 223 -11.12 -12.22 -11.96
N GLU A 224 -11.07 -13.31 -12.72
CA GLU A 224 -10.31 -14.48 -12.31
C GLU A 224 -8.82 -14.15 -12.25
N GLU A 225 -8.34 -13.39 -13.24
CA GLU A 225 -6.93 -13.00 -13.27
C GLU A 225 -6.59 -12.07 -12.11
N ARG A 226 -7.51 -11.19 -11.73
CA ARG A 226 -7.25 -10.33 -10.59
C ARG A 226 -7.20 -11.13 -9.30
N GLN A 227 -7.99 -12.21 -9.19
CA GLN A 227 -7.92 -13.04 -8.00
C GLN A 227 -6.58 -13.76 -7.92
N THR A 228 -6.11 -14.28 -9.05
CA THR A 228 -4.83 -14.97 -9.05
C THR A 228 -3.69 -14.01 -8.71
N SER A 229 -3.71 -12.81 -9.30
CA SER A 229 -2.66 -11.84 -8.99
CA SER A 229 -2.70 -11.80 -9.00
C SER A 229 -2.71 -11.44 -7.53
N PHE A 230 -3.92 -11.23 -6.97
CA PHE A 230 -4.06 -10.91 -5.56
C PHE A 230 -3.48 -12.01 -4.69
N GLN A 231 -3.76 -13.27 -5.01
CA GLN A 231 -3.23 -14.36 -4.20
C GLN A 231 -1.71 -14.38 -4.20
N ASN A 232 -1.08 -14.08 -5.33
CA ASN A 232 0.38 -14.00 -5.38
C ASN A 232 0.89 -12.83 -4.54
N MET A 233 0.32 -11.65 -4.73
CA MET A 233 0.78 -10.46 -4.03
CA MET A 233 0.82 -10.49 -4.03
C MET A 233 0.60 -10.62 -2.53
N ILE A 234 -0.57 -11.11 -2.09
CA ILE A 234 -0.82 -11.15 -0.66
C ILE A 234 0.09 -12.16 0.03
N LYS A 235 0.41 -13.28 -0.64
CA LYS A 235 1.34 -14.24 -0.06
C LYS A 235 2.72 -13.63 0.10
N ILE A 236 3.16 -12.85 -0.89
CA ILE A 236 4.44 -12.16 -0.76
C ILE A 236 4.42 -11.21 0.43
N ALA A 237 3.37 -10.39 0.53
CA ALA A 237 3.30 -9.42 1.62
C ALA A 237 3.26 -10.11 2.98
N LEU A 238 2.46 -11.16 3.11
CA LEU A 238 2.34 -11.86 4.38
C LEU A 238 3.67 -12.49 4.79
N GLU A 239 4.32 -13.16 3.85
CA GLU A 239 5.61 -13.75 4.18
C GLU A 239 6.62 -12.66 4.55
N ALA A 240 6.55 -11.49 3.87
CA ALA A 240 7.48 -10.42 4.20
C ALA A 240 7.30 -9.93 5.62
N THR A 241 6.06 -9.95 6.15
CA THR A 241 5.85 -9.48 7.52
C THR A 241 6.63 -10.30 8.53
N LEU A 242 6.90 -11.57 8.23
CA LEU A 242 7.65 -12.41 9.16
C LEU A 242 9.10 -11.94 9.30
N LYS A 243 9.61 -11.18 8.34
CA LYS A 243 10.95 -10.66 8.36
C LYS A 243 11.02 -9.24 8.92
N LEU A 244 9.89 -8.69 9.35
CA LEU A 244 9.79 -7.28 9.73
C LEU A 244 9.28 -7.10 11.16
#